data_8S4N
#
_entry.id   8S4N
#
_entity_poly.entity_id   1
_entity_poly.type   'polydeoxyribonucleotide'
_entity_poly.pdbx_seq_one_letter_code
;(DC)(DG)(DC)(DT)(DC)(DA)(DC)(DG)(DC)(DNR)(DNR)(DNR)(DG)(DT)(DT)(DT)(DC)(DC)(DC)
(DC)(DC)(DC)(DC)(DC)(DC)(DC)(DC)(DG)(DT)(DT)(DT)(DNR)(DNR)(DNR)(DC)(DC)(DG)(DT)
(DG)(DA)(DG)(DC)(DG)
;
_entity_poly.pdbx_strand_id   A
#